data_6OHT
#
_entry.id   6OHT
#
_cell.length_a   194.566
_cell.length_b   67.823
_cell.length_c   96.858
_cell.angle_alpha   90.00
_cell.angle_beta   90.00
_cell.angle_gamma   90.00
#
_symmetry.space_group_name_H-M   'P 21 21 2'
#
loop_
_entity.id
_entity.type
_entity.pdbx_description
1 polymer 3-beta-hydroxysteroid-Delta(8),Delta(7)-isomerase
2 non-polymer 3beta-(2-Diethylaminoethoxy)androst-5-en-17-one
#
_entity_poly.entity_id   1
_entity_poly.type   'polypeptide(L)'
_entity_poly.pdbx_seq_one_letter_code
;(MSE)WSHPQFEKTTNAGPLHPYWPQHLRLDNFVPNDRPTWHILAGLFSVTGVLVVTTWLLSGRAAVVPLGTWRRLSLCW
FAVCGFIHLVIEGWFVLYYEDLLGDQAFLSQLWKEYAKGDSRYILGDNFTVC(MSE)ETITACLWGPLSLWVVIAFLRQH
PLRFILQLVVSVGQIYGDVLYFLTEHRDGFQHGELGHPLYFWFYFVF(MSE)NALWLVLPGVLVLDAVKHLTHAQSTLDA
KATKAKSKKN
;
_entity_poly.pdbx_strand_id   A,B,C
#
# COMPACT_ATOMS: atom_id res chain seq x y z
N PRO A 15 27.35 -32.39 -27.90
CA PRO A 15 26.80 -32.39 -26.55
C PRO A 15 25.28 -32.60 -26.53
N LEU A 16 24.77 -33.23 -25.48
CA LEU A 16 23.34 -33.50 -25.37
C LEU A 16 22.55 -32.29 -24.88
N HIS A 17 23.18 -31.36 -24.18
CA HIS A 17 22.48 -30.19 -23.67
C HIS A 17 23.40 -28.98 -23.79
N PRO A 18 22.83 -27.78 -23.90
CA PRO A 18 23.65 -26.59 -24.09
C PRO A 18 24.21 -26.00 -22.80
N TYR A 19 23.79 -26.51 -21.64
CA TYR A 19 24.21 -25.90 -20.38
C TYR A 19 25.69 -26.17 -20.13
N TRP A 20 26.43 -25.12 -19.80
CA TRP A 20 27.89 -25.11 -19.98
C TRP A 20 28.75 -25.91 -19.02
N PRO A 21 28.36 -26.20 -17.78
CA PRO A 21 29.16 -27.17 -17.05
C PRO A 21 29.09 -28.51 -17.78
N GLN A 22 29.84 -28.61 -18.89
CA GLN A 22 29.57 -29.61 -19.91
C GLN A 22 29.62 -31.04 -19.38
N HIS A 23 30.23 -31.25 -18.20
CA HIS A 23 30.17 -32.55 -17.59
C HIS A 23 28.79 -32.85 -17.03
N LEU A 24 27.86 -31.89 -17.08
CA LEU A 24 26.53 -32.13 -16.56
C LEU A 24 25.86 -33.22 -17.37
N ARG A 25 25.42 -34.26 -16.68
CA ARG A 25 24.72 -35.38 -17.30
C ARG A 25 23.25 -35.20 -16.95
N LEU A 26 22.55 -34.42 -17.77
CA LEU A 26 21.15 -34.07 -17.50
C LEU A 26 20.27 -35.00 -18.33
N ASP A 27 19.94 -36.15 -17.74
CA ASP A 27 18.82 -36.93 -18.25
C ASP A 27 17.53 -36.18 -17.95
N ASN A 28 16.41 -36.72 -18.40
CA ASN A 28 15.11 -36.07 -18.23
C ASN A 28 15.16 -34.62 -18.70
N PHE A 29 15.99 -34.35 -19.70
CA PHE A 29 16.10 -33.03 -20.32
C PHE A 29 15.39 -33.07 -21.66
N VAL A 30 14.44 -32.16 -21.87
CA VAL A 30 13.70 -32.07 -23.11
C VAL A 30 13.77 -30.64 -23.60
N PRO A 31 14.37 -30.37 -24.77
CA PRO A 31 14.34 -29.00 -25.31
C PRO A 31 12.93 -28.62 -25.72
N ASN A 32 12.50 -27.43 -25.32
CA ASN A 32 11.14 -27.01 -25.61
C ASN A 32 10.94 -26.74 -27.09
N ASP A 33 9.74 -27.05 -27.57
CA ASP A 33 9.39 -26.85 -28.98
C ASP A 33 9.29 -25.38 -29.36
N ARG A 34 9.03 -24.50 -28.41
CA ARG A 34 8.88 -23.08 -28.74
C ARG A 34 10.23 -22.41 -28.90
N PRO A 35 10.49 -21.73 -30.01
CA PRO A 35 11.77 -21.04 -30.19
C PRO A 35 11.88 -19.83 -29.28
N THR A 36 13.11 -19.33 -29.16
CA THR A 36 13.39 -18.25 -28.22
C THR A 36 12.59 -16.99 -28.54
N TRP A 37 12.28 -16.75 -29.82
CA TRP A 37 11.53 -15.56 -30.17
C TRP A 37 10.11 -15.61 -29.60
N HIS A 38 9.56 -16.81 -29.38
CA HIS A 38 8.28 -16.93 -28.69
C HIS A 38 8.36 -16.28 -27.31
N ILE A 39 9.36 -16.68 -26.53
CA ILE A 39 9.50 -16.20 -25.16
C ILE A 39 9.82 -14.70 -25.15
N LEU A 40 10.76 -14.28 -26.00
CA LEU A 40 11.14 -12.87 -26.03
C LEU A 40 9.96 -11.99 -26.42
N ALA A 41 9.22 -12.37 -27.46
CA ALA A 41 8.06 -11.58 -27.87
C ALA A 41 7.01 -11.56 -26.78
N GLY A 42 6.73 -12.71 -26.16
CA GLY A 42 5.72 -12.74 -25.12
C GLY A 42 6.05 -11.82 -23.96
N LEU A 43 7.27 -11.92 -23.43
CA LEU A 43 7.64 -11.05 -22.32
C LEU A 43 7.70 -9.58 -22.74
N PHE A 44 8.25 -9.28 -23.92
CA PHE A 44 8.35 -7.90 -24.34
C PHE A 44 6.96 -7.27 -24.47
N SER A 45 6.01 -8.03 -25.03
CA SER A 45 4.66 -7.52 -25.20
C SER A 45 3.96 -7.35 -23.85
N VAL A 46 4.06 -8.34 -22.96
CA VAL A 46 3.40 -8.25 -21.66
C VAL A 46 4.00 -7.11 -20.84
N THR A 47 5.32 -6.92 -20.92
CA THR A 47 5.97 -5.82 -20.21
C THR A 47 5.54 -4.47 -20.79
N GLY A 48 5.36 -4.40 -22.11
CA GLY A 48 4.81 -3.18 -22.70
C GLY A 48 3.41 -2.88 -22.22
N VAL A 49 2.56 -3.93 -22.15
CA VAL A 49 1.20 -3.76 -21.64
C VAL A 49 1.24 -3.23 -20.21
N LEU A 50 2.09 -3.82 -19.37
CA LEU A 50 2.20 -3.40 -17.99
C LEU A 50 2.66 -1.95 -17.88
N VAL A 51 3.72 -1.58 -18.62
CA VAL A 51 4.25 -0.23 -18.52
C VAL A 51 3.21 0.80 -18.99
N VAL A 52 2.50 0.49 -20.07
CA VAL A 52 1.49 1.42 -20.58
C VAL A 52 0.34 1.58 -19.60
N THR A 53 -0.19 0.45 -19.09
CA THR A 53 -1.30 0.52 -18.15
C THR A 53 -0.91 1.24 -16.87
N THR A 54 0.31 1.01 -16.38
CA THR A 54 0.78 1.72 -15.20
C THR A 54 0.97 3.21 -15.48
N TRP A 55 1.41 3.57 -16.69
CA TRP A 55 1.50 4.99 -17.02
C TRP A 55 0.11 5.63 -16.98
N LEU A 56 -0.89 4.93 -17.50
CA LEU A 56 -2.25 5.45 -17.44
C LEU A 56 -2.72 5.58 -15.99
N LEU A 57 -2.44 4.57 -15.16
CA LEU A 57 -2.84 4.63 -13.76
C LEU A 57 -2.16 5.78 -13.03
N SER A 58 -0.89 6.04 -13.35
CA SER A 58 -0.18 7.18 -12.76
C SER A 58 -0.81 8.50 -13.22
N GLY A 59 -1.24 8.55 -14.48
CA GLY A 59 -1.97 9.71 -14.97
C GLY A 59 -3.26 9.94 -14.20
N ARG A 60 -3.92 8.87 -13.79
CA ARG A 60 -5.21 8.96 -13.13
C ARG A 60 -5.03 8.97 -11.61
N THR A 68 7.14 13.44 -12.84
CA THR A 68 7.33 12.85 -14.16
C THR A 68 8.16 11.57 -14.07
N TRP A 69 9.42 11.74 -13.64
CA TRP A 69 10.31 10.59 -13.48
C TRP A 69 9.76 9.57 -12.50
N ARG A 70 9.11 10.06 -11.43
CA ARG A 70 8.56 9.15 -10.42
C ARG A 70 7.44 8.28 -10.99
N ARG A 71 6.72 8.75 -12.01
CA ARG A 71 5.78 7.88 -12.71
C ARG A 71 6.52 6.75 -13.43
N LEU A 72 7.69 7.05 -14.00
CA LEU A 72 8.52 5.99 -14.57
C LEU A 72 8.99 5.02 -13.50
N SER A 73 9.34 5.53 -12.31
CA SER A 73 9.73 4.65 -11.23
C SER A 73 8.57 3.73 -10.81
N LEU A 74 7.35 4.25 -10.87
CA LEU A 74 6.18 3.41 -10.60
C LEU A 74 6.03 2.31 -11.64
N CYS A 75 6.21 2.65 -12.92
CA CYS A 75 6.13 1.62 -13.95
C CYS A 75 7.22 0.57 -13.76
N TRP A 76 8.43 1.03 -13.38
CA TRP A 76 9.52 0.11 -13.09
C TRP A 76 9.18 -0.83 -11.94
N PHE A 77 8.62 -0.28 -10.86
CA PHE A 77 8.26 -1.13 -9.72
C PHE A 77 7.13 -2.09 -10.05
N ALA A 78 6.19 -1.69 -10.91
CA ALA A 78 5.17 -2.63 -11.34
C ALA A 78 5.78 -3.79 -12.12
N VAL A 79 6.70 -3.47 -13.05
CA VAL A 79 7.43 -4.51 -13.78
C VAL A 79 8.19 -5.41 -12.81
N CYS A 80 8.83 -4.82 -11.81
CA CYS A 80 9.61 -5.60 -10.84
C CYS A 80 8.71 -6.54 -10.05
N GLY A 81 7.59 -6.04 -9.56
CA GLY A 81 6.64 -6.90 -8.86
C GLY A 81 6.15 -8.03 -9.76
N PHE A 82 5.90 -7.72 -11.03
CA PHE A 82 5.47 -8.75 -11.97
C PHE A 82 6.51 -9.84 -12.11
N ILE A 83 7.76 -9.44 -12.40
CA ILE A 83 8.81 -10.44 -12.60
C ILE A 83 8.99 -11.28 -11.33
N HIS A 84 9.18 -10.61 -10.18
CA HIS A 84 9.40 -11.31 -8.92
C HIS A 84 8.27 -12.29 -8.63
N LEU A 85 7.02 -11.86 -8.81
CA LEU A 85 5.92 -12.75 -8.47
C LEU A 85 5.81 -13.86 -9.50
N VAL A 86 5.50 -13.51 -10.74
CA VAL A 86 5.16 -14.53 -11.73
C VAL A 86 6.37 -15.38 -12.08
N ILE A 87 7.42 -14.78 -12.63
CA ILE A 87 8.52 -15.57 -13.19
C ILE A 87 9.30 -16.27 -12.08
N GLU A 88 9.82 -15.49 -11.14
CA GLU A 88 10.62 -16.07 -10.06
C GLU A 88 9.82 -16.98 -9.13
N GLY A 89 8.54 -16.71 -8.88
CA GLY A 89 7.72 -17.68 -8.17
C GLY A 89 7.52 -18.96 -8.96
N TRP A 90 7.35 -18.82 -10.28
CA TRP A 90 7.28 -19.99 -11.15
C TRP A 90 8.54 -20.84 -10.99
N PHE A 91 9.70 -20.19 -10.94
CA PHE A 91 10.94 -20.93 -10.70
C PHE A 91 10.92 -21.59 -9.31
N VAL A 92 10.53 -20.82 -8.28
CA VAL A 92 10.54 -21.33 -6.91
C VAL A 92 9.65 -22.56 -6.77
N LEU A 93 8.52 -22.58 -7.50
CA LEU A 93 7.60 -23.70 -7.39
C LEU A 93 8.07 -24.85 -8.28
N TYR A 94 8.51 -24.54 -9.49
CA TYR A 94 8.80 -25.53 -10.52
C TYR A 94 10.26 -25.37 -10.98
N TYR A 95 11.19 -25.37 -10.02
CA TYR A 95 12.62 -25.51 -10.32
C TYR A 95 13.07 -26.96 -10.31
N GLU A 96 12.16 -27.88 -10.02
CA GLU A 96 12.51 -29.28 -9.87
C GLU A 96 12.44 -30.04 -11.17
N ASP A 97 11.42 -29.79 -11.98
CA ASP A 97 11.21 -30.53 -13.21
C ASP A 97 11.68 -29.77 -14.44
N LEU A 98 11.21 -28.53 -14.64
CA LEU A 98 11.77 -27.62 -15.65
C LEU A 98 11.77 -28.27 -17.03
N LEU A 99 10.64 -28.86 -17.39
CA LEU A 99 10.43 -29.51 -18.67
C LEU A 99 9.52 -28.62 -19.51
N GLY A 100 9.96 -28.32 -20.73
CA GLY A 100 9.25 -27.36 -21.55
C GLY A 100 7.81 -27.73 -21.88
N ASP A 101 7.36 -28.92 -21.45
CA ASP A 101 5.93 -29.20 -21.57
C ASP A 101 5.09 -28.33 -20.65
N GLN A 102 5.73 -27.52 -19.79
CA GLN A 102 5.03 -26.48 -19.06
C GLN A 102 5.07 -25.20 -19.90
N ALA A 103 4.37 -24.17 -19.41
CA ALA A 103 4.17 -22.95 -20.20
C ALA A 103 5.50 -22.31 -20.57
N PHE A 104 5.46 -21.24 -21.37
CA PHE A 104 6.69 -20.58 -21.80
C PHE A 104 7.44 -19.94 -20.63
N LEU A 105 6.91 -20.00 -19.41
CA LEU A 105 7.69 -19.64 -18.22
C LEU A 105 8.81 -20.65 -17.96
N SER A 106 8.49 -21.95 -17.98
CA SER A 106 9.52 -22.96 -17.76
C SER A 106 10.56 -22.96 -18.88
N GLN A 107 10.11 -22.83 -20.13
CA GLN A 107 11.05 -22.67 -21.23
C GLN A 107 11.83 -21.38 -21.11
N LEU A 108 11.21 -20.32 -20.60
CA LEU A 108 11.93 -19.08 -20.34
C LEU A 108 13.06 -19.31 -19.35
N TRP A 109 12.80 -20.08 -18.29
CA TRP A 109 13.84 -20.35 -17.32
C TRP A 109 14.94 -21.22 -17.91
N LYS A 110 14.57 -22.19 -18.76
CA LYS A 110 15.59 -22.98 -19.43
C LYS A 110 16.44 -22.13 -20.36
N GLU A 111 15.81 -21.16 -21.02
CA GLU A 111 16.54 -20.25 -21.90
C GLU A 111 17.52 -19.39 -21.11
N TYR A 112 17.07 -18.81 -19.99
CA TYR A 112 17.99 -18.04 -19.15
C TYR A 112 19.10 -18.92 -18.60
N ALA A 113 18.77 -20.16 -18.23
CA ALA A 113 19.77 -21.07 -17.67
C ALA A 113 20.80 -21.49 -18.70
N LYS A 114 20.46 -21.46 -19.99
CA LYS A 114 21.50 -21.55 -21.02
C LYS A 114 22.56 -20.48 -20.80
N GLY A 115 22.16 -19.32 -20.28
CA GLY A 115 23.11 -18.31 -19.85
C GLY A 115 23.94 -18.81 -18.69
N ASP A 116 24.56 -17.90 -17.93
CA ASP A 116 25.52 -18.36 -16.93
C ASP A 116 24.85 -19.24 -15.88
N SER A 117 23.78 -18.75 -15.26
CA SER A 117 23.39 -19.29 -13.97
C SER A 117 22.79 -20.70 -14.06
N ARG A 118 22.84 -21.36 -12.92
CA ARG A 118 22.41 -22.75 -12.72
C ARG A 118 20.97 -22.79 -12.21
N TYR A 119 20.04 -22.47 -13.11
CA TYR A 119 18.63 -22.58 -12.77
C TYR A 119 18.05 -23.94 -13.12
N ILE A 120 18.84 -24.82 -13.75
CA ILE A 120 18.42 -26.18 -14.05
C ILE A 120 18.74 -27.11 -12.89
N LEU A 121 19.89 -26.92 -12.25
CA LEU A 121 20.29 -27.80 -11.16
C LEU A 121 19.46 -27.55 -9.91
N GLY A 122 18.82 -26.39 -9.81
CA GLY A 122 18.09 -26.07 -8.60
C GLY A 122 19.05 -25.82 -7.47
N ASP A 123 20.08 -25.02 -7.73
CA ASP A 123 21.12 -24.76 -6.74
C ASP A 123 20.49 -24.41 -5.40
N ASN A 124 21.07 -24.95 -4.33
CA ASN A 124 20.54 -24.74 -2.99
C ASN A 124 20.38 -23.26 -2.69
N PHE A 125 21.42 -22.48 -2.93
CA PHE A 125 21.37 -21.05 -2.64
C PHE A 125 20.38 -20.30 -3.52
N THR A 126 20.43 -20.56 -4.84
CA THR A 126 19.64 -19.74 -5.77
C THR A 126 18.16 -19.78 -5.44
N VAL A 127 17.60 -20.99 -5.27
CA VAL A 127 16.17 -21.12 -4.99
C VAL A 127 15.81 -20.32 -3.76
N CYS A 128 16.63 -20.44 -2.71
CA CYS A 128 16.35 -19.71 -1.48
C CYS A 128 16.26 -18.22 -1.75
N GLU A 130 15.78 -16.76 -4.57
CA GLU A 130 14.65 -16.48 -5.44
C GLU A 130 13.36 -16.50 -4.65
N THR A 131 13.25 -17.45 -3.70
CA THR A 131 12.04 -17.54 -2.89
C THR A 131 11.77 -16.22 -2.21
N ILE A 132 12.82 -15.62 -1.64
CA ILE A 132 12.65 -14.38 -0.90
C ILE A 132 12.13 -13.29 -1.85
N THR A 133 12.74 -13.19 -3.03
CA THR A 133 12.34 -12.13 -3.94
C THR A 133 10.91 -12.36 -4.41
N ALA A 134 10.52 -13.63 -4.54
CA ALA A 134 9.14 -13.92 -4.91
C ALA A 134 8.20 -13.59 -3.76
N CYS A 135 8.56 -14.02 -2.55
CA CYS A 135 7.65 -13.86 -1.42
C CYS A 135 7.60 -12.44 -0.89
N LEU A 136 8.72 -11.71 -0.91
CA LEU A 136 8.78 -10.38 -0.31
C LEU A 136 8.84 -9.25 -1.34
N TRP A 137 9.88 -9.19 -2.17
CA TRP A 137 10.08 -8.01 -3.01
C TRP A 137 9.01 -7.89 -4.10
N GLY A 138 8.32 -8.98 -4.44
CA GLY A 138 7.24 -8.91 -5.39
C GLY A 138 6.04 -8.17 -4.86
N PRO A 139 5.40 -8.71 -3.81
CA PRO A 139 4.29 -7.99 -3.17
C PRO A 139 4.65 -6.59 -2.72
N LEU A 140 5.84 -6.40 -2.16
CA LEU A 140 6.21 -5.08 -1.64
C LEU A 140 6.37 -4.08 -2.77
N SER A 141 6.73 -4.53 -3.97
CA SER A 141 6.80 -3.61 -5.11
C SER A 141 5.41 -3.10 -5.51
N LEU A 142 4.42 -4.01 -5.50
CA LEU A 142 3.05 -3.59 -5.77
C LEU A 142 2.56 -2.64 -4.68
N TRP A 143 2.95 -2.89 -3.43
CA TRP A 143 2.62 -1.96 -2.36
C TRP A 143 3.30 -0.61 -2.58
N VAL A 144 4.51 -0.61 -3.15
CA VAL A 144 5.21 0.63 -3.46
C VAL A 144 4.43 1.42 -4.49
N VAL A 145 4.01 0.76 -5.57
CA VAL A 145 3.32 1.49 -6.63
C VAL A 145 1.96 1.99 -6.13
N ILE A 146 1.27 1.20 -5.30
CA ILE A 146 -0.01 1.62 -4.75
C ILE A 146 0.17 2.85 -3.85
N ALA A 147 1.10 2.75 -2.90
CA ALA A 147 1.33 3.79 -1.90
C ALA A 147 1.95 5.06 -2.45
N PHE A 148 2.44 5.06 -3.70
CA PHE A 148 3.06 6.27 -4.23
C PHE A 148 2.07 7.39 -4.53
N LEU A 149 0.80 7.07 -4.80
CA LEU A 149 -0.18 8.12 -5.07
C LEU A 149 -0.56 8.80 -3.75
N ARG A 150 0.38 8.82 -2.80
CA ARG A 150 0.26 9.50 -1.50
C ARG A 150 -0.67 8.77 -0.54
N GLN A 151 -1.01 7.51 -0.83
CA GLN A 151 -1.93 6.79 0.06
C GLN A 151 -1.33 6.58 1.44
N HIS A 152 0.00 6.69 1.56
CA HIS A 152 0.70 6.47 2.82
C HIS A 152 2.04 7.18 2.80
N PRO A 153 2.53 7.63 3.96
CA PRO A 153 3.90 8.14 4.02
C PRO A 153 4.91 7.05 3.70
N LEU A 154 4.52 5.79 3.84
CA LEU A 154 5.35 4.60 3.67
C LEU A 154 5.89 4.41 2.26
N ARG A 155 5.53 5.26 1.30
CA ARG A 155 5.91 4.98 -0.08
C ARG A 155 7.42 4.99 -0.25
N PHE A 156 8.09 6.02 0.26
CA PHE A 156 9.54 6.12 0.13
C PHE A 156 10.26 5.06 0.97
N ILE A 157 9.74 4.77 2.16
CA ILE A 157 10.33 3.74 3.00
C ILE A 157 10.28 2.39 2.30
N LEU A 158 9.13 2.07 1.70
CA LEU A 158 9.00 0.81 0.98
C LEU A 158 9.91 0.77 -0.24
N GLN A 159 10.03 1.90 -0.95
CA GLN A 159 10.95 1.96 -2.08
C GLN A 159 12.38 1.66 -1.62
N LEU A 160 12.80 2.26 -0.50
CA LEU A 160 14.15 2.05 0.00
C LEU A 160 14.35 0.60 0.42
N VAL A 161 13.37 0.01 1.12
CA VAL A 161 13.52 -1.35 1.61
C VAL A 161 13.64 -2.32 0.43
N VAL A 162 12.74 -2.18 -0.55
CA VAL A 162 12.75 -3.07 -1.70
C VAL A 162 14.03 -2.92 -2.50
N SER A 163 14.51 -1.69 -2.68
CA SER A 163 15.71 -1.49 -3.49
C SER A 163 16.95 -2.02 -2.77
N VAL A 164 17.01 -1.87 -1.44
CA VAL A 164 18.13 -2.44 -0.69
C VAL A 164 18.11 -3.96 -0.78
N GLY A 165 16.93 -4.57 -0.65
CA GLY A 165 16.85 -6.02 -0.75
C GLY A 165 17.23 -6.54 -2.13
N GLN A 166 16.80 -5.84 -3.18
CA GLN A 166 17.14 -6.23 -4.54
C GLN A 166 18.64 -6.14 -4.78
N ILE A 167 19.26 -5.03 -4.35
CA ILE A 167 20.70 -4.88 -4.51
C ILE A 167 21.43 -5.96 -3.75
N TYR A 168 20.95 -6.31 -2.54
CA TYR A 168 21.63 -7.33 -1.76
C TYR A 168 21.54 -8.69 -2.43
N GLY A 169 20.35 -9.07 -2.88
CA GLY A 169 20.20 -10.33 -3.60
C GLY A 169 21.08 -10.41 -4.83
N ASP A 170 21.13 -9.32 -5.60
CA ASP A 170 21.90 -9.32 -6.84
C ASP A 170 23.41 -9.37 -6.57
N VAL A 171 23.87 -8.63 -5.56
CA VAL A 171 25.29 -8.65 -5.22
C VAL A 171 25.70 -10.04 -4.74
N LEU A 172 24.86 -10.68 -3.92
CA LEU A 172 25.16 -12.05 -3.51
C LEU A 172 25.19 -12.99 -4.71
N TYR A 173 24.25 -12.79 -5.64
CA TYR A 173 24.21 -13.59 -6.87
C TYR A 173 25.53 -13.50 -7.63
N PHE A 174 25.97 -12.27 -7.90
CA PHE A 174 27.21 -12.06 -8.63
C PHE A 174 28.42 -12.60 -7.88
N LEU A 175 28.53 -12.30 -6.58
CA LEU A 175 29.65 -12.78 -5.79
C LEU A 175 29.72 -14.30 -5.79
N THR A 176 28.58 -14.95 -5.56
CA THR A 176 28.55 -16.42 -5.53
C THR A 176 28.98 -16.99 -6.87
N GLU A 177 28.45 -16.48 -7.98
CA GLU A 177 28.87 -17.01 -9.26
C GLU A 177 30.32 -16.67 -9.59
N HIS A 178 30.87 -15.61 -8.99
CA HIS A 178 32.25 -15.22 -9.24
C HIS A 178 33.22 -16.14 -8.52
N ARG A 179 32.98 -16.41 -7.23
CA ARG A 179 33.83 -17.34 -6.49
C ARG A 179 33.84 -18.72 -7.15
N ASP A 180 32.71 -19.14 -7.71
CA ASP A 180 32.63 -20.38 -8.47
C ASP A 180 33.38 -20.34 -9.78
N GLY A 181 33.99 -19.21 -10.12
CA GLY A 181 34.77 -19.12 -11.33
C GLY A 181 33.93 -19.06 -12.58
N PHE A 182 32.66 -18.67 -12.46
CA PHE A 182 31.71 -18.63 -13.58
C PHE A 182 31.57 -19.99 -14.24
N GLN A 183 31.86 -21.05 -13.49
CA GLN A 183 31.64 -22.43 -13.91
C GLN A 183 30.36 -22.56 -14.72
N HIS A 184 29.25 -22.12 -14.13
CA HIS A 184 27.97 -22.19 -14.81
C HIS A 184 27.94 -21.17 -15.95
N GLY A 185 27.68 -21.65 -17.17
CA GLY A 185 27.57 -20.75 -18.30
C GLY A 185 28.88 -20.31 -18.94
N GLU A 186 28.91 -20.32 -20.27
CA GLU A 186 30.15 -20.01 -20.99
C GLU A 186 30.60 -18.59 -20.73
N LEU A 187 31.90 -18.42 -20.47
CA LEU A 187 32.45 -17.10 -20.23
C LEU A 187 32.47 -16.30 -21.53
N GLY A 188 32.43 -14.98 -21.39
CA GLY A 188 32.64 -14.10 -22.53
C GLY A 188 31.54 -14.12 -23.58
N HIS A 189 30.71 -15.16 -23.59
CA HIS A 189 29.64 -15.27 -24.56
C HIS A 189 28.80 -13.98 -24.57
N PRO A 190 28.53 -13.41 -25.74
CA PRO A 190 27.78 -12.14 -25.78
C PRO A 190 26.36 -12.28 -25.25
N LEU A 191 25.59 -13.16 -25.89
CA LEU A 191 24.18 -13.33 -25.52
C LEU A 191 24.06 -13.94 -24.14
N TYR A 192 24.65 -15.13 -23.95
CA TYR A 192 24.36 -15.93 -22.76
C TYR A 192 25.03 -15.35 -21.51
N PHE A 193 26.28 -14.89 -21.63
CA PHE A 193 26.97 -14.31 -20.48
C PHE A 193 26.74 -12.81 -20.36
N TRP A 194 27.03 -12.05 -21.41
CA TRP A 194 27.07 -10.59 -21.29
C TRP A 194 25.66 -10.01 -21.21
N PHE A 195 24.74 -10.48 -22.06
CA PHE A 195 23.39 -9.93 -22.04
C PHE A 195 22.55 -10.54 -20.93
N TYR A 196 22.47 -11.88 -20.88
CA TYR A 196 21.64 -12.54 -19.87
C TYR A 196 22.15 -12.29 -18.47
N PHE A 197 23.39 -12.72 -18.21
CA PHE A 197 23.94 -12.71 -16.85
C PHE A 197 24.32 -11.30 -16.41
N VAL A 198 25.22 -10.65 -17.14
CA VAL A 198 25.76 -9.37 -16.69
C VAL A 198 24.72 -8.27 -16.85
N PHE A 199 24.31 -8.00 -18.10
CA PHE A 199 23.49 -6.82 -18.39
C PHE A 199 22.17 -6.80 -17.63
N ASN A 201 20.71 -8.55 -15.22
CA ASN A 201 20.84 -8.52 -13.76
C ASN A 201 21.41 -7.19 -13.29
N ALA A 202 22.35 -6.61 -14.06
CA ALA A 202 22.92 -5.31 -13.70
C ALA A 202 21.86 -4.23 -13.57
N LEU A 203 20.72 -4.39 -14.24
CA LEU A 203 19.62 -3.45 -14.04
C LEU A 203 19.21 -3.40 -12.58
N TRP A 204 18.95 -4.57 -11.98
CA TRP A 204 18.61 -4.65 -10.57
C TRP A 204 19.76 -4.20 -9.69
N LEU A 205 20.95 -4.00 -10.26
CA LEU A 205 22.06 -3.35 -9.57
C LEU A 205 21.98 -1.83 -9.67
N VAL A 206 21.74 -1.30 -10.87
CA VAL A 206 21.90 0.13 -11.10
C VAL A 206 20.61 0.89 -10.73
N LEU A 207 19.47 0.49 -11.31
CA LEU A 207 18.25 1.27 -11.13
C LEU A 207 17.80 1.37 -9.69
N PRO A 208 17.65 0.29 -8.90
CA PRO A 208 17.28 0.49 -7.50
C PRO A 208 18.32 1.24 -6.69
N GLY A 209 19.60 1.14 -7.06
CA GLY A 209 20.60 1.97 -6.39
C GLY A 209 20.29 3.44 -6.55
N VAL A 210 20.05 3.87 -7.79
CA VAL A 210 19.60 5.23 -8.02
C VAL A 210 18.34 5.50 -7.20
N LEU A 211 17.42 4.54 -7.18
CA LEU A 211 16.18 4.73 -6.43
C LEU A 211 16.46 4.90 -4.95
N VAL A 212 17.46 4.17 -4.43
CA VAL A 212 17.81 4.35 -3.03
C VAL A 212 18.20 5.81 -2.79
N LEU A 213 19.06 6.34 -3.66
CA LEU A 213 19.46 7.74 -3.54
C LEU A 213 18.23 8.63 -3.51
N ASP A 214 17.27 8.36 -4.40
CA ASP A 214 16.04 9.13 -4.43
C ASP A 214 15.41 9.17 -3.04
N ALA A 215 15.08 7.98 -2.51
CA ALA A 215 14.41 7.94 -1.23
C ALA A 215 15.26 8.63 -0.17
N VAL A 216 16.57 8.43 -0.23
CA VAL A 216 17.44 9.04 0.79
C VAL A 216 17.32 10.55 0.73
N LYS A 217 17.44 11.11 -0.49
CA LYS A 217 17.33 12.56 -0.62
C LYS A 217 16.02 13.03 -0.05
N HIS A 218 14.93 12.32 -0.37
CA HIS A 218 13.64 12.73 0.17
C HIS A 218 13.54 12.44 1.66
N LEU A 219 13.96 11.22 2.07
CA LEU A 219 13.77 10.87 3.48
C LEU A 219 14.63 11.74 4.37
N THR A 220 15.86 12.02 3.96
CA THR A 220 16.71 12.92 4.72
C THR A 220 16.03 14.28 4.85
N HIS A 221 15.48 14.78 3.74
CA HIS A 221 14.82 16.07 3.80
C HIS A 221 13.63 16.00 4.75
N ALA A 222 12.87 14.90 4.68
CA ALA A 222 11.75 14.77 5.60
C ALA A 222 12.25 14.69 7.04
N GLN A 223 13.36 13.97 7.25
CA GLN A 223 13.89 13.91 8.60
C GLN A 223 14.46 15.26 8.99
N SER A 224 14.89 16.06 8.01
CA SER A 224 15.34 17.42 8.28
C SER A 224 14.27 18.21 9.03
N THR A 225 13.02 17.75 8.96
CA THR A 225 11.90 18.43 9.62
C THR A 225 12.11 18.52 11.13
N LEU A 226 12.87 17.59 11.73
CA LEU A 226 13.02 17.61 13.18
C LEU A 226 13.62 18.93 13.64
N ASP A 227 12.81 19.73 14.33
CA ASP A 227 13.27 21.01 14.85
C ASP A 227 12.56 21.27 16.18
N PRO B 15 36.03 -40.24 16.48
CA PRO B 15 36.06 -39.33 15.33
C PRO B 15 37.33 -38.48 15.28
N LEU B 16 37.77 -38.11 14.07
CA LEU B 16 38.94 -37.26 13.98
C LEU B 16 38.59 -35.80 14.26
N HIS B 17 37.34 -35.41 13.99
CA HIS B 17 36.87 -34.05 14.19
C HIS B 17 35.43 -34.12 14.68
N PRO B 18 34.97 -33.08 15.40
CA PRO B 18 33.60 -33.11 15.93
C PRO B 18 32.54 -32.64 14.96
N TYR B 19 32.91 -32.14 13.78
CA TYR B 19 31.96 -31.56 12.86
C TYR B 19 31.08 -32.67 12.30
N TRP B 20 29.77 -32.44 12.30
CA TRP B 20 28.87 -33.59 12.32
C TRP B 20 28.76 -34.34 11.00
N PRO B 21 28.96 -33.72 9.82
CA PRO B 21 29.10 -34.56 8.62
C PRO B 21 30.36 -35.41 8.78
N GLN B 22 30.27 -36.42 9.64
CA GLN B 22 31.46 -37.06 10.20
C GLN B 22 32.30 -37.78 9.16
N HIS B 23 31.75 -38.07 7.98
CA HIS B 23 32.57 -38.64 6.93
C HIS B 23 33.52 -37.63 6.31
N LEU B 24 33.43 -36.36 6.72
CA LEU B 24 34.32 -35.34 6.20
C LEU B 24 35.76 -35.68 6.58
N ARG B 25 36.64 -35.68 5.59
CA ARG B 25 38.06 -35.97 5.79
C ARG B 25 38.77 -34.63 5.79
N LEU B 26 38.89 -34.03 6.98
CA LEU B 26 39.46 -32.71 7.15
C LEU B 26 40.93 -32.86 7.50
N ASP B 27 41.77 -32.86 6.48
CA ASP B 27 43.20 -32.70 6.69
C ASP B 27 43.48 -31.29 7.19
N ASN B 28 44.74 -31.02 7.52
CA ASN B 28 45.16 -29.71 8.04
C ASN B 28 44.26 -29.26 9.19
N PHE B 29 43.72 -30.21 9.95
CA PHE B 29 42.86 -29.94 11.08
C PHE B 29 43.66 -30.11 12.36
N VAL B 30 43.67 -29.08 13.20
CA VAL B 30 44.39 -29.09 14.46
C VAL B 30 43.43 -28.64 15.57
N PRO B 31 43.22 -29.44 16.60
CA PRO B 31 42.40 -28.97 17.73
C PRO B 31 43.07 -27.80 18.43
N ASN B 32 42.27 -26.81 18.77
CA ASN B 32 42.80 -25.56 19.30
C ASN B 32 43.44 -25.74 20.67
N ASP B 33 44.55 -25.04 20.89
CA ASP B 33 45.25 -25.12 22.17
C ASP B 33 44.52 -24.34 23.27
N ARG B 34 43.82 -23.24 22.91
CA ARG B 34 43.12 -22.46 23.92
C ARG B 34 41.71 -23.03 24.15
N PRO B 35 41.34 -23.28 25.40
CA PRO B 35 40.00 -23.83 25.67
C PRO B 35 38.91 -22.81 25.40
N THR B 36 37.68 -23.32 25.29
CA THR B 36 36.55 -22.47 24.90
C THR B 36 36.28 -21.37 25.94
N TRP B 37 36.58 -21.63 27.21
CA TRP B 37 36.35 -20.62 28.24
C TRP B 37 37.27 -19.42 28.03
N HIS B 38 38.43 -19.63 27.39
CA HIS B 38 39.28 -18.51 26.99
C HIS B 38 38.52 -17.57 26.06
N ILE B 39 37.89 -18.14 25.03
CA ILE B 39 37.14 -17.35 24.06
C ILE B 39 35.97 -16.65 24.74
N LEU B 40 35.27 -17.38 25.61
CA LEU B 40 34.12 -16.80 26.31
C LEU B 40 34.54 -15.60 27.16
N ALA B 41 35.64 -15.75 27.91
CA ALA B 41 36.12 -14.65 28.75
C ALA B 41 36.54 -13.46 27.90
N GLY B 42 37.28 -13.71 26.82
CA GLY B 42 37.73 -12.62 25.97
C GLY B 42 36.57 -11.85 25.36
N LEU B 43 35.59 -12.59 24.81
CA LEU B 43 34.44 -11.94 24.21
C LEU B 43 33.62 -11.18 25.24
N PHE B 44 33.39 -11.77 26.41
CA PHE B 44 32.60 -11.08 27.43
C PHE B 44 33.29 -9.78 27.85
N SER B 45 34.61 -9.82 28.03
CA SER B 45 35.33 -8.62 28.45
C SER B 45 35.29 -7.54 27.37
N VAL B 46 35.59 -7.90 26.12
CA VAL B 46 35.62 -6.91 25.06
C VAL B 46 34.22 -6.32 24.81
N THR B 47 33.19 -7.17 24.83
CA THR B 47 31.84 -6.66 24.64
C THR B 47 31.41 -5.77 25.81
N GLY B 48 31.83 -6.11 27.03
CA GLY B 48 31.56 -5.23 28.16
C GLY B 48 32.21 -3.87 28.00
N VAL B 49 33.48 -3.86 27.56
CA VAL B 49 34.18 -2.59 27.34
C VAL B 49 33.43 -1.75 26.30
N LEU B 50 33.03 -2.37 25.19
CA LEU B 50 32.31 -1.62 24.16
C LEU B 50 30.99 -1.09 24.69
N VAL B 51 30.20 -1.94 25.36
CA VAL B 51 28.89 -1.51 25.84
C VAL B 51 29.03 -0.37 26.84
N VAL B 52 30.01 -0.45 27.75
CA VAL B 52 30.19 0.59 28.74
C VAL B 52 30.62 1.89 28.09
N THR B 53 31.61 1.84 27.20
CA THR B 53 32.12 3.05 26.55
C THR B 53 31.03 3.73 25.72
N THR B 54 30.26 2.94 24.97
CA THR B 54 29.17 3.52 24.18
C THR B 54 28.06 4.06 25.08
N TRP B 55 27.79 3.39 26.20
CA TRP B 55 26.80 3.91 27.14
C TRP B 55 27.22 5.28 27.66
N LEU B 56 28.50 5.43 28.00
CA LEU B 56 29.01 6.72 28.46
C LEU B 56 28.93 7.77 27.35
N LEU B 57 29.33 7.41 26.13
CA LEU B 57 29.30 8.36 25.03
C LEU B 57 27.88 8.84 24.75
N SER B 58 26.92 7.92 24.82
CA SER B 58 25.52 8.29 24.63
C SER B 58 25.01 9.17 25.76
N GLY B 59 25.38 8.86 27.00
CA GLY B 59 24.97 9.71 28.11
C GLY B 59 25.54 11.11 28.03
N ARG B 60 26.80 11.23 27.65
CA ARG B 60 27.45 12.53 27.61
C ARG B 60 27.47 13.09 26.17
N THR B 68 16.36 7.09 25.91
CA THR B 68 16.84 6.20 26.97
C THR B 68 17.18 4.83 26.39
N TRP B 69 16.15 4.15 25.86
CA TRP B 69 16.37 2.87 25.19
C TRP B 69 17.30 3.00 23.99
N ARG B 70 17.21 4.12 23.27
CA ARG B 70 18.01 4.26 22.06
C ARG B 70 19.50 4.26 22.37
N ARG B 71 19.88 4.67 23.57
CA ARG B 71 21.27 4.51 23.99
C ARG B 71 21.65 3.04 24.11
N LEU B 72 20.71 2.20 24.58
CA LEU B 72 20.92 0.77 24.54
C LEU B 72 21.04 0.26 23.11
N SER B 73 20.22 0.81 22.20
CA SER B 73 20.31 0.44 20.79
C SER B 73 21.66 0.84 20.20
N LEU B 74 22.20 1.97 20.65
CA LEU B 74 23.54 2.38 20.24
C LEU B 74 24.58 1.39 20.72
N CYS B 75 24.44 0.91 21.96
CA CYS B 75 25.35 -0.12 22.45
C CYS B 75 25.23 -1.39 21.61
N TRP B 76 24.00 -1.73 21.24
CA TRP B 76 23.75 -2.88 20.37
C TRP B 76 24.44 -2.72 19.02
N PHE B 77 24.32 -1.53 18.42
CA PHE B 77 24.96 -1.26 17.13
C PHE B 77 26.47 -1.29 17.22
N ALA B 78 27.04 -0.85 18.35
CA ALA B 78 28.47 -0.97 18.54
C ALA B 78 28.90 -2.43 18.60
N VAL B 79 28.16 -3.24 19.36
CA VAL B 79 28.44 -4.68 19.41
C VAL B 79 28.35 -5.28 18.01
N CYS B 80 27.33 -4.89 17.25
CA CYS B 80 27.14 -5.41 15.90
C CYS B 80 28.30 -5.03 14.99
N GLY B 81 28.70 -3.76 15.02
CA GLY B 81 29.85 -3.33 14.22
C GLY B 81 31.10 -4.10 14.58
N PHE B 82 31.31 -4.35 15.87
CA PHE B 82 32.48 -5.12 16.29
C PHE B 82 32.42 -6.53 15.73
N ILE B 83 31.29 -7.21 15.90
CA ILE B 83 31.16 -8.59 15.44
C ILE B 83 31.35 -8.67 13.92
N HIS B 84 30.62 -7.84 13.17
CA HIS B 84 30.70 -7.86 11.72
C HIS B 84 32.12 -7.54 11.23
N LEU B 85 32.73 -6.50 11.78
CA LEU B 85 34.03 -6.05 11.28
C LEU B 85 35.15 -7.00 11.68
N VAL B 86 35.35 -7.19 13.00
CA VAL B 86 36.50 -7.95 13.48
C VAL B 86 36.30 -9.44 13.22
N ILE B 87 35.27 -10.03 13.82
CA ILE B 87 35.11 -11.49 13.82
C ILE B 87 34.80 -12.00 12.42
N GLU B 88 33.67 -11.56 11.86
CA GLU B 88 33.25 -12.02 10.55
C GLU B 88 34.23 -11.57 9.46
N GLY B 89 34.85 -10.41 9.63
CA GLY B 89 35.93 -10.04 8.75
C GLY B 89 37.11 -10.98 8.85
N TRP B 90 37.43 -11.42 10.07
CA TRP B 90 38.46 -12.42 10.25
C TRP B 90 38.13 -13.69 9.49
N PHE B 91 36.87 -14.13 9.55
CA PHE B 91 36.46 -15.31 8.78
C PHE B 91 36.63 -15.08 7.28
N VAL B 92 36.16 -13.93 6.78
CA VAL B 92 36.24 -13.65 5.35
C VAL B 92 37.70 -13.64 4.88
N LEU B 93 38.61 -13.17 5.72
CA LEU B 93 40.00 -13.07 5.31
C LEU B 93 40.75 -14.39 5.46
N TYR B 94 40.50 -15.14 6.53
CA TYR B 94 41.37 -16.29 6.82
C TYR B 94 40.65 -17.63 6.81
N TYR B 95 39.86 -17.90 5.77
CA TYR B 95 39.53 -19.25 5.36
C TYR B 95 40.42 -19.61 4.17
N GLU B 96 40.62 -20.91 3.96
CA GLU B 96 40.40 -21.95 4.94
C GLU B 96 41.74 -22.24 5.61
N ASP B 97 41.95 -21.65 6.77
CA ASP B 97 43.23 -21.81 7.46
C ASP B 97 43.14 -22.90 8.52
N LEU B 98 42.10 -22.84 9.36
CA LEU B 98 41.69 -23.95 10.21
C LEU B 98 42.80 -24.44 11.13
N LEU B 99 43.76 -23.58 11.45
CA LEU B 99 44.83 -23.93 12.38
C LEU B 99 44.70 -23.04 13.61
N GLY B 100 44.58 -23.67 14.78
CA GLY B 100 44.41 -22.92 16.00
C GLY B 100 45.58 -22.03 16.37
N ASP B 101 46.69 -22.09 15.63
CA ASP B 101 47.79 -21.16 15.86
C ASP B 101 47.43 -19.72 15.54
N GLN B 102 46.25 -19.47 14.98
CA GLN B 102 45.78 -18.10 14.85
C GLN B 102 45.04 -17.69 16.11
N ALA B 103 44.66 -16.41 16.15
CA ALA B 103 44.12 -15.82 17.36
C ALA B 103 42.84 -16.48 17.86
N PHE B 104 42.36 -15.99 19.01
CA PHE B 104 41.13 -16.49 19.56
C PHE B 104 39.95 -16.18 18.66
N LEU B 105 40.16 -15.37 17.61
CA LEU B 105 39.16 -15.23 16.55
C LEU B 105 39.01 -16.52 15.75
N SER B 106 40.13 -17.07 15.29
CA SER B 106 40.08 -18.34 14.57
C SER B 106 39.63 -19.47 15.49
N GLN B 107 40.06 -19.45 16.75
CA GLN B 107 39.58 -20.44 17.70
C GLN B 107 38.07 -20.32 17.89
N LEU B 108 37.57 -19.09 17.93
CA LEU B 108 36.14 -18.82 18.03
C LEU B 108 35.39 -19.38 16.83
N TRP B 109 35.94 -19.18 15.64
CA TRP B 109 35.28 -19.67 14.44
C TRP B 109 35.27 -21.19 14.40
N LYS B 110 36.35 -21.84 14.86
CA LYS B 110 36.33 -23.30 14.93
C LYS B 110 35.28 -23.80 15.93
N GLU B 111 35.10 -23.07 17.04
CA GLU B 111 34.06 -23.47 18.00
C GLU B 111 32.65 -23.30 17.41
N TYR B 112 32.39 -22.14 16.80
CA TYR B 112 31.08 -21.95 16.19
C TYR B 112 30.84 -22.97 15.09
N ALA B 113 31.89 -23.33 14.34
CA ALA B 113 31.74 -24.36 13.32
C ALA B 113 31.52 -25.73 13.95
N LYS B 114 32.03 -25.95 15.17
CA LYS B 114 31.58 -27.10 15.96
C LYS B 114 30.09 -27.03 16.14
N GLY B 115 29.53 -25.82 16.18
CA GLY B 115 28.09 -25.67 16.06
C GLY B 115 27.60 -26.13 14.69
N ASP B 116 26.38 -25.72 14.31
CA ASP B 116 25.76 -26.28 13.11
C ASP B 116 26.51 -25.91 11.83
N SER B 117 26.76 -24.62 11.62
CA SER B 117 27.05 -24.11 10.27
C SER B 117 28.43 -24.54 9.75
N ARG B 118 28.57 -24.44 8.43
CA ARG B 118 29.77 -24.89 7.70
C ARG B 118 30.74 -23.70 7.53
N TYR B 119 31.38 -23.32 8.63
CA TYR B 119 32.38 -22.25 8.54
C TYR B 119 33.79 -22.78 8.32
N ILE B 120 33.97 -24.10 8.24
CA ILE B 120 35.26 -24.70 7.94
C ILE B 120 35.48 -24.84 6.44
N LEU B 121 34.44 -25.18 5.69
CA LEU B 121 34.58 -25.43 4.26
C LEU B 121 34.77 -24.17 3.44
N GLY B 122 34.38 -23.01 3.98
CA GLY B 122 34.42 -21.80 3.18
C GLY B 122 33.34 -21.80 2.12
N ASP B 123 32.12 -22.19 2.48
CA ASP B 123 31.00 -22.27 1.55
C ASP B 123 30.85 -20.96 0.78
N ASN B 124 30.49 -21.07 -0.51
CA ASN B 124 30.35 -19.89 -1.35
C ASN B 124 29.42 -18.86 -0.71
N PHE B 125 28.22 -19.28 -0.31
CA PHE B 125 27.25 -18.34 0.23
C PHE B 125 27.74 -17.77 1.56
N THR B 126 28.24 -18.63 2.46
CA THR B 126 28.68 -18.16 3.76
C THR B 126 29.78 -17.11 3.63
N VAL B 127 30.77 -17.39 2.77
CA VAL B 127 31.84 -16.43 2.53
C VAL B 127 31.28 -15.14 1.93
N CYS B 128 30.41 -15.26 0.93
CA CYS B 128 29.86 -14.09 0.26
C CYS B 128 28.99 -13.26 1.20
N GLU B 130 29.05 -13.26 4.41
CA GLU B 130 29.88 -12.73 5.49
C GLU B 130 30.72 -11.55 4.99
N THR B 131 31.24 -11.62 3.76
CA THR B 131 32.00 -10.50 3.21
C THR B 131 31.11 -9.27 3.10
N ILE B 132 29.84 -9.45 2.68
CA ILE B 132 28.94 -8.30 2.57
C ILE B 132 28.69 -7.71 3.95
N THR B 133 28.43 -8.56 4.96
CA THR B 133 28.10 -8.04 6.28
C THR B 133 29.31 -7.37 6.93
N ALA B 134 30.51 -7.92 6.71
CA ALA B 134 31.72 -7.33 7.30
C ALA B 134 32.07 -6.01 6.61
N CYS B 135 32.04 -5.98 5.28
CA CYS B 135 32.46 -4.80 4.56
C CYS B 135 31.44 -3.67 4.70
N LEU B 136 30.15 -4.00 4.81
CA LEU B 136 29.10 -2.99 4.86
C LEU B 136 28.48 -2.82 6.26
N TRP B 137 27.86 -3.87 6.82
CA TRP B 137 27.08 -3.69 8.03
C TRP B 137 27.92 -3.36 9.25
N GLY B 138 29.21 -3.68 9.25
CA GLY B 138 30.09 -3.26 10.33
C GLY B 138 30.29 -1.76 10.31
N PRO B 139 30.90 -1.27 9.21
CA PRO B 139 31.01 0.18 9.04
C PRO B 139 29.69 0.91 9.15
N LEU B 140 28.61 0.40 8.56
CA LEU B 140 27.35 1.11 8.62
C LEU B 140 26.74 1.09 10.02
N SER B 141 26.97 0.03 10.80
CA SER B 141 26.48 0.03 12.18
C SER B 141 27.24 1.05 13.03
N LEU B 142 28.56 1.11 12.84
CA LEU B 142 29.34 2.14 13.54
C LEU B 142 28.93 3.54 13.09
N TRP B 143 28.60 3.70 11.80
CA TRP B 143 28.06 4.99 11.35
C TRP B 143 26.71 5.28 11.99
N VAL B 144 25.91 4.24 12.23
CA VAL B 144 24.64 4.46 12.90
C VAL B 144 24.88 5.03 14.30
N VAL B 145 25.79 4.39 15.05
CA VAL B 145 26.00 4.86 16.43
C VAL B 145 26.71 6.22 16.45
N ILE B 146 27.70 6.43 15.58
CA ILE B 146 28.46 7.69 15.58
C ILE B 146 27.56 8.85 15.15
N ALA B 147 26.95 8.73 13.96
CA ALA B 147 26.13 9.82 13.47
C ALA B 147 24.82 9.96 14.24
N PHE B 148 24.47 8.97 15.07
CA PHE B 148 23.28 9.08 15.92
C PHE B 148 23.50 10.06 17.07
N LEU B 149 24.76 10.30 17.44
CA LEU B 149 25.10 11.15 18.58
C LEU B 149 24.82 12.63 18.32
N ARG B 150 24.48 13.02 17.08
CA ARG B 150 24.12 14.40 16.79
C ARG B 150 22.72 14.51 16.19
N GLN B 151 21.92 13.45 16.25
CA GLN B 151 20.58 13.41 15.66
C GLN B 151 20.59 14.06 14.29
N HIS B 152 21.08 13.33 13.29
CA HIS B 152 21.32 13.50 11.87
C HIS B 152 20.16 12.86 11.11
N PRO B 153 19.75 13.44 9.97
CA PRO B 153 18.58 12.86 9.28
C PRO B 153 18.78 11.46 8.73
N LEU B 154 20.01 11.13 8.30
CA LEU B 154 20.27 9.81 7.73
C LEU B 154 20.24 8.68 8.74
N ARG B 155 20.08 8.97 10.03
CA ARG B 155 20.25 7.96 11.05
C ARG B 155 19.19 6.87 11.00
N PHE B 156 17.92 7.24 10.89
CA PHE B 156 16.88 6.22 10.82
C PHE B 156 17.03 5.42 9.54
N ILE B 157 17.48 6.08 8.47
CA ILE B 157 17.72 5.40 7.20
C ILE B 157 18.81 4.33 7.37
N LEU B 158 19.92 4.69 8.02
CA LEU B 158 20.99 3.71 8.22
C LEU B 158 20.55 2.58 9.15
N GLN B 159 19.81 2.91 10.22
CA GLN B 159 19.32 1.87 11.10
C GLN B 159 18.45 0.88 10.33
N LEU B 160 17.55 1.40 9.48
CA LEU B 160 16.68 0.54 8.69
C LEU B 160 17.49 -0.28 7.69
N VAL B 161 18.47 0.33 7.03
CA VAL B 161 19.24 -0.38 6.00
C VAL B 161 20.06 -1.50 6.64
N VAL B 162 20.74 -1.21 7.75
CA VAL B 162 21.56 -2.22 8.41
C VAL B 162 20.68 -3.34 8.92
N SER B 163 19.52 -2.99 9.50
CA SER B 163 18.68 -4.04 10.06
C SER B 163 18.05 -4.90 8.96
N VAL B 164 17.72 -4.29 7.81
CA VAL B 164 17.21 -5.07 6.68
C VAL B 164 18.29 -5.99 6.14
N GLY B 165 19.52 -5.49 6.02
CA GLY B 165 20.60 -6.35 5.54
C GLY B 165 20.87 -7.51 6.47
N GLN B 166 20.84 -7.24 7.79
CA GLN B 166 21.05 -8.30 8.77
C GLN B 166 19.93 -9.34 8.72
N ILE B 167 18.68 -8.88 8.67
CA ILE B 167 17.54 -9.80 8.61
C ILE B 167 17.60 -10.63 7.34
N TYR B 168 17.96 -9.99 6.21
CA TYR B 168 18.00 -10.70 4.94
C TYR B 168 19.11 -11.74 4.92
N GLY B 169 20.31 -11.36 5.34
CA GLY B 169 21.40 -12.32 5.42
C GLY B 169 21.07 -13.49 6.31
N ASP B 170 20.45 -13.22 7.46
CA ASP B 170 20.15 -14.29 8.40
C ASP B 170 19.03 -15.20 7.89
N VAL B 171 18.03 -14.61 7.23
CA VAL B 171 16.96 -15.43 6.64
C VAL B 171 17.54 -16.34 5.56
N LEU B 172 18.44 -15.81 4.73
CA LEU B 172 19.11 -16.66 3.74
C LEU B 172 19.95 -17.74 4.42
N TYR B 173 20.60 -17.39 5.53
CA TYR B 173 21.39 -18.34 6.30
C TYR B 173 20.54 -19.53 6.72
N PHE B 174 19.41 -19.25 7.37
CA PHE B 174 18.50 -20.30 7.82
C PHE B 174 17.93 -21.08 6.64
N LEU B 175 17.47 -20.39 5.60
CA LEU B 175 16.88 -21.06 4.44
C LEU B 175 17.86 -22.02 3.79
N THR B 176 19.09 -21.56 3.56
CA THR B 176 20.11 -22.40 2.94
C THR B 176 20.42 -23.62 3.79
N GLU B 177 20.62 -23.43 5.10
CA GLU B 177 20.90 -24.62 5.91
C GLU B 177 19.68 -25.54 6.04
N HIS B 178 18.48 -25.00 5.88
CA HIS B 178 17.27 -25.82 5.97
C HIS B 178 17.11 -26.69 4.73
N ARG B 179 17.22 -26.08 3.54
CA ARG B 179 17.15 -26.86 2.31
C ARG B 179 18.28 -27.88 2.24
N ASP B 180 19.46 -27.56 2.78
CA ASP B 180 20.54 -28.53 2.89
C ASP B 180 20.23 -29.63 3.90
N GLY B 181 19.10 -29.58 4.58
CA GLY B 181 18.72 -30.63 5.50
C GLY B 181 19.50 -30.63 6.80
N PHE B 182 20.11 -29.51 7.17
CA PHE B 182 20.92 -29.38 8.37
C PHE B 182 22.07 -30.39 8.38
N GLN B 183 22.46 -30.87 7.20
CA GLN B 183 23.64 -31.70 7.02
C GLN B 183 24.80 -31.23 7.89
N HIS B 184 25.16 -29.96 7.76
CA HIS B 184 26.23 -29.38 8.54
C HIS B 184 25.80 -29.24 9.99
N GLY B 185 26.55 -29.83 10.92
CA GLY B 185 26.26 -29.67 12.33
C GLY B 185 25.17 -30.58 12.87
N GLU B 186 25.42 -31.18 14.04
CA GLU B 186 24.52 -32.19 14.58
C GLU B 186 23.14 -31.59 14.91
N LEU B 187 22.10 -32.30 14.49
CA LEU B 187 20.73 -31.86 14.72
C LEU B 187 20.34 -31.96 16.20
N GLY B 188 19.40 -31.12 16.59
CA GLY B 188 18.76 -31.23 17.89
C GLY B 188 19.64 -30.91 19.07
N HIS B 189 20.96 -30.97 18.88
CA HIS B 189 21.91 -30.71 19.95
C HIS B 189 21.56 -29.39 20.65
N PRO B 190 21.49 -29.38 21.98
CA PRO B 190 21.12 -28.14 22.69
C PRO B 190 22.12 -27.03 22.46
N LEU B 191 23.39 -27.30 22.82
CA LEU B 191 24.42 -26.28 22.70
C LEU B 191 24.69 -25.93 21.24
N TYR B 192 25.08 -26.93 20.45
CA TYR B 192 25.63 -26.65 19.12
C TYR B 192 24.54 -26.23 18.14
N PHE B 193 23.37 -26.89 18.18
CA PHE B 193 22.30 -26.52 17.26
C PHE B 193 21.37 -25.47 17.86
N TRP B 194 20.82 -25.72 19.06
CA TRP B 194 19.76 -24.86 19.54
C TRP B 194 20.28 -23.50 20.01
N PHE B 195 21.37 -23.47 20.75
CA PHE B 195 21.88 -22.18 21.23
C PHE B 195 22.70 -21.49 20.15
N TYR B 196 23.69 -22.17 19.59
CA TYR B 196 24.57 -21.55 18.58
C TYR B 196 23.78 -21.15 17.35
N PHE B 197 23.17 -22.13 16.68
CA PHE B 197 22.56 -21.91 15.38
C PHE B 197 21.26 -21.13 15.50
N VAL B 198 20.31 -21.66 16.28
CA VAL B 198 18.97 -21.07 16.30
C VAL B 198 18.95 -19.75 17.07
N PHE B 199 19.33 -19.77 18.36
CA PHE B 199 19.08 -18.64 19.25
C PHE B 199 19.77 -17.34 18.81
N ASN B 201 21.37 -16.37 16.11
CA ASN B 201 20.92 -15.92 14.79
C ASN B 201 19.49 -15.39 14.89
N ALA B 202 18.65 -16.02 15.71
CA ALA B 202 17.32 -15.47 15.94
C ALA B 202 17.40 -14.09 16.59
N LEU B 203 18.47 -13.81 17.34
CA LEU B 203 18.71 -12.45 17.81
C LEU B 203 18.89 -11.51 16.63
N TRP B 204 19.80 -11.86 15.71
CA TRP B 204 19.96 -11.03 14.51
C TRP B 204 18.73 -11.03 13.61
N LEU B 205 17.77 -11.91 13.87
CA LEU B 205 16.47 -11.84 13.19
C LEU B 205 15.51 -10.89 13.89
N VAL B 206 15.42 -11.00 15.22
CA VAL B 206 14.38 -10.33 15.99
C VAL B 206 14.77 -8.89 16.33
N LEU B 207 15.94 -8.70 16.96
CA LEU B 207 16.31 -7.38 17.44
C LEU B 207 16.37 -6.35 16.31
N PRO B 208 17.07 -6.58 15.21
CA PRO B 208 16.96 -5.64 14.09
C PRO B 208 15.57 -5.58 13.51
N GLY B 209 14.74 -6.62 13.65
CA GLY B 209 13.33 -6.49 13.29
C GLY B 209 12.62 -5.41 14.09
N VAL B 210 12.80 -5.45 15.41
CA VAL B 210 12.27 -4.40 16.28
C VAL B 210 12.81 -3.04 15.84
N LEU B 211 14.12 -2.98 15.53
CA LEU B 211 14.71 -1.73 15.08
C LEU B 211 14.10 -1.27 13.75
N VAL B 212 13.76 -2.23 12.87
CA VAL B 212 13.09 -1.90 11.61
C VAL B 212 11.74 -1.25 11.91
N LEU B 213 10.96 -1.85 12.79
CA LEU B 213 9.67 -1.27 13.16
C LEU B 213 9.86 0.14 13.72
N ASP B 214 10.85 0.31 14.60
CA ASP B 214 11.15 1.61 15.19
C ASP B 214 11.45 2.66 14.12
N ALA B 215 12.45 2.40 13.29
CA ALA B 215 12.86 3.34 12.26
C ALA B 215 11.72 3.63 11.30
N VAL B 216 10.91 2.61 10.98
CA VAL B 216 9.78 2.81 10.07
C VAL B 216 8.77 3.76 10.68
N LYS B 217 8.43 3.54 11.95
CA LYS B 217 7.49 4.43 12.63
C LYS B 217 7.99 5.88 12.63
N HIS B 218 9.27 6.07 12.97
CA HIS B 218 9.79 7.43 13.03
C HIS B 218 9.84 8.08 11.64
N LEU B 219 10.29 7.34 10.62
CA LEU B 219 10.36 7.89 9.28
C LEU B 219 8.97 8.19 8.73
N THR B 220 7.99 7.33 9.03
CA THR B 220 6.61 7.61 8.64
C THR B 220 6.10 8.87 9.30
N HIS B 221 6.40 9.06 10.59
CA HIS B 221 5.96 10.28 11.26
C HIS B 221 6.58 11.51 10.62
N ALA B 222 7.88 11.45 10.32
CA ALA B 222 8.54 12.59 9.69
C ALA B 222 7.99 12.86 8.30
N GLN B 223 7.67 11.79 7.54
CA GLN B 223 7.14 11.96 6.19
C GLN B 223 5.72 12.51 6.20
N SER B 224 4.90 12.10 7.17
CA SER B 224 3.53 12.59 7.26
C SER B 224 3.47 14.10 7.50
N THR B 225 4.47 14.67 8.15
CA THR B 225 4.44 16.11 8.44
C THR B 225 4.49 16.96 7.18
N LEU B 226 5.19 16.49 6.15
CA LEU B 226 5.36 17.28 4.93
C LEU B 226 4.04 17.42 4.20
N ASP B 227 3.49 18.63 4.18
CA ASP B 227 2.25 18.93 3.47
C ASP B 227 2.30 20.34 2.88
N PRO C 15 -67.07 22.42 14.05
CA PRO C 15 -66.62 21.90 12.76
C PRO C 15 -66.01 20.51 12.86
N LEU C 16 -66.18 19.69 11.82
CA LEU C 16 -65.59 18.36 11.82
C LEU C 16 -64.13 18.36 11.39
N HIS C 17 -63.71 19.36 10.62
CA HIS C 17 -62.37 19.40 10.06
C HIS C 17 -61.84 20.82 10.08
N PRO C 18 -60.51 20.99 10.08
CA PRO C 18 -59.92 22.33 10.13
C PRO C 18 -59.80 22.99 8.77
N TYR C 19 -60.07 22.27 7.68
CA TYR C 19 -59.84 22.80 6.35
C TYR C 19 -60.86 23.89 6.05
N TRP C 20 -60.35 25.03 5.57
CA TRP C 20 -61.05 26.30 5.76
C TRP C 20 -62.27 26.61 4.90
N PRO C 21 -62.36 26.15 3.65
CA PRO C 21 -63.65 26.32 2.95
C PRO C 21 -64.73 25.54 3.67
N GLN C 22 -65.20 26.11 4.79
CA GLN C 22 -65.90 25.35 5.82
C GLN C 22 -67.18 24.68 5.31
N HIS C 23 -67.68 25.09 4.13
CA HIS C 23 -68.82 24.36 3.57
C HIS C 23 -68.43 22.97 3.08
N LEU C 24 -67.15 22.62 3.13
CA LEU C 24 -66.69 21.32 2.70
C LEU C 24 -67.29 20.23 3.59
N ARG C 25 -67.93 19.24 2.95
CA ARG C 25 -68.44 18.08 3.68
C ARG C 25 -67.47 16.95 3.39
N LEU C 26 -66.41 16.88 4.19
CA LEU C 26 -65.35 15.91 4.02
C LEU C 26 -65.57 14.76 4.99
N ASP C 27 -66.31 13.75 4.53
CA ASP C 27 -66.33 12.48 5.24
C ASP C 27 -64.97 11.82 5.12
N ASN C 28 -64.83 10.66 5.76
CA ASN C 28 -63.57 9.90 5.77
C ASN C 28 -62.38 10.76 6.19
N PHE C 29 -62.62 11.75 7.06
CA PHE C 29 -61.55 12.54 7.65
C PHE C 29 -61.33 12.09 9.09
N VAL C 30 -60.08 11.73 9.41
CA VAL C 30 -59.70 11.35 10.76
C VAL C 30 -58.46 12.15 11.12
N PRO C 31 -58.50 12.99 12.15
CA PRO C 31 -57.27 13.71 12.56
C PRO C 31 -56.26 12.72 13.10
N ASN C 32 -55.01 12.86 12.65
CA ASN C 32 -54.00 11.91 13.07
C ASN C 32 -53.70 12.09 14.55
N ASP C 33 -53.45 10.98 15.23
CA ASP C 33 -53.18 11.01 16.66
C ASP C 33 -51.86 11.68 17.00
N ARG C 34 -50.91 11.72 16.06
CA ARG C 34 -49.62 12.32 16.36
C ARG C 34 -49.69 13.83 16.19
N PRO C 35 -49.28 14.60 17.20
CA PRO C 35 -49.35 16.06 17.09
C PRO C 35 -48.32 16.60 16.10
N THR C 36 -48.52 17.87 15.74
CA THR C 36 -47.70 18.50 14.70
C THR C 36 -46.22 18.51 15.08
N TRP C 37 -45.90 18.53 16.38
CA TRP C 37 -44.50 18.53 16.78
C TRP C 37 -43.81 17.24 16.38
N HIS C 38 -44.55 16.14 16.28
CA HIS C 38 -43.98 14.92 15.72
C HIS C 38 -43.46 15.17 14.32
N ILE C 39 -44.29 15.80 13.48
CA ILE C 39 -43.94 16.07 12.10
C ILE C 39 -42.74 17.02 12.04
N LEU C 40 -42.77 18.07 12.87
CA LEU C 40 -41.67 19.03 12.87
C LEU C 40 -40.37 18.37 13.28
N ALA C 41 -40.40 17.54 14.33
CA ALA C 41 -39.18 16.85 14.75
C ALA C 41 -38.67 15.91 13.67
N GLY C 42 -39.56 15.15 13.05
CA GLY C 42 -39.12 14.22 12.02
C GLY C 42 -38.48 14.93 10.84
N LEU C 43 -39.14 15.97 10.33
CA LEU C 43 -38.58 16.69 9.19
C LEU C 43 -37.28 17.40 9.55
N PHE C 44 -37.23 18.04 10.73
CA PHE C 44 -36.04 18.77 11.12
C PHE C 44 -34.85 17.81 11.27
N SER C 45 -35.09 16.64 11.86
CA SER C 45 -34.01 15.67 12.04
C SER C 45 -33.52 15.11 10.70
N VAL C 46 -34.46 14.72 9.83
CA VAL C 46 -34.04 14.14 8.54
C VAL C 46 -33.33 15.18 7.68
N THR C 47 -33.83 16.42 7.66
CA THR C 47 -33.15 17.47 6.91
C THR C 47 -31.79 17.80 7.51
N GLY C 48 -31.66 17.74 8.84
CA GLY C 48 -30.33 17.89 9.43
C GLY C 48 -29.38 16.82 8.98
N VAL C 49 -29.84 15.57 8.96
CA VAL C 49 -29.01 14.47 8.47
C VAL C 49 -28.59 14.73 7.02
N LEU C 50 -29.55 15.15 6.19
CA LEU C 50 -29.26 15.41 4.78
C LEU C 50 -28.21 16.52 4.63
N VAL C 51 -28.43 17.64 5.33
CA VAL C 51 -27.53 18.78 5.20
C VAL C 51 -26.14 18.41 5.70
N VAL C 52 -26.06 17.66 6.80
CA VAL C 52 -24.76 17.28 7.36
C VAL C 52 -24.01 16.34 6.40
N THR C 53 -24.70 15.31 5.90
CA THR C 53 -24.03 14.36 5.01
C THR C 53 -23.58 15.03 3.72
N THR C 54 -24.43 15.88 3.13
CA THR C 54 -24.04 16.59 1.92
C THR C 54 -22.93 17.59 2.20
N TRP C 55 -22.95 18.23 3.37
CA TRP C 55 -21.87 19.11 3.78
C TRP C 55 -20.54 18.37 3.86
N LEU C 56 -20.55 17.16 4.42
CA LEU C 56 -19.33 16.36 4.47
C LEU C 56 -18.89 15.93 3.07
N LEU C 57 -19.85 15.49 2.24
CA LEU C 57 -19.52 15.03 0.89
C LEU C 57 -18.92 16.16 0.06
N SER C 58 -19.44 17.39 0.24
CA SER C 58 -18.88 18.53 -0.47
C SER C 58 -17.45 18.82 -0.04
N GLY C 59 -17.18 18.70 1.27
CA GLY C 59 -15.81 18.86 1.75
C GLY C 59 -14.87 17.82 1.18
N ARG C 60 -15.34 16.58 1.08
CA ARG C 60 -14.49 15.49 0.61
C ARG C 60 -14.77 15.19 -0.86
N THR C 68 -17.78 27.53 -0.47
CA THR C 68 -18.61 27.53 0.73
C THR C 68 -20.07 27.71 0.36
N TRP C 69 -20.40 28.87 -0.23
CA TRP C 69 -21.76 29.15 -0.66
C TRP C 69 -22.25 28.11 -1.66
N ARG C 70 -21.38 27.68 -2.56
CA ARG C 70 -21.80 26.71 -3.57
C ARG C 70 -22.11 25.36 -2.93
N ARG C 71 -21.39 25.04 -1.85
CA ARG C 71 -21.71 23.88 -1.03
C ARG C 71 -23.05 24.05 -0.32
N LEU C 72 -23.36 25.28 0.10
CA LEU C 72 -24.68 25.56 0.65
C LEU C 72 -25.77 25.29 -0.37
N SER C 73 -25.55 25.70 -1.62
CA SER C 73 -26.51 25.42 -2.67
C SER C 73 -26.62 23.92 -2.91
N LEU C 74 -25.51 23.19 -2.80
CA LEU C 74 -25.56 21.74 -2.99
C LEU C 74 -26.38 21.04 -1.90
N CYS C 75 -26.19 21.42 -0.63
CA CYS C 75 -27.01 20.84 0.42
C CYS C 75 -28.48 21.22 0.22
N TRP C 76 -28.71 22.45 -0.25
CA TRP C 76 -30.07 22.87 -0.59
C TRP C 76 -30.67 21.96 -1.67
N PHE C 77 -29.89 21.63 -2.69
CA PHE C 77 -30.38 20.75 -3.74
C PHE C 77 -30.66 19.34 -3.23
N ALA C 78 -29.88 18.88 -2.26
CA ALA C 78 -30.18 17.58 -1.64
C ALA C 78 -31.52 17.62 -0.92
N VAL C 79 -31.74 18.70 -0.15
CA VAL C 79 -33.03 18.89 0.52
C VAL C 79 -34.16 18.90 -0.51
N CYS C 80 -33.96 19.59 -1.63
CA CYS C 80 -34.98 19.67 -2.66
C CYS C 80 -35.28 18.31 -3.26
N GLY C 81 -34.24 17.55 -3.61
CA GLY C 81 -34.46 16.22 -4.15
C GLY C 81 -35.23 15.32 -3.20
N PHE C 82 -34.90 15.39 -1.90
CA PHE C 82 -35.63 14.58 -0.92
C PHE C 82 -37.09 14.99 -0.85
N ILE C 83 -37.36 16.29 -0.69
CA ILE C 83 -38.73 16.76 -0.56
C ILE C 83 -39.54 16.39 -1.79
N HIS C 84 -39.03 16.72 -2.98
CA HIS C 84 -39.75 16.45 -4.22
C HIS C 84 -40.02 14.96 -4.39
N LEU C 85 -39.02 14.12 -4.15
CA LEU C 85 -39.19 12.68 -4.39
C LEU C 85 -40.10 12.06 -3.33
N VAL C 86 -39.70 12.13 -2.06
CA VAL C 86 -40.43 11.43 -1.00
C VAL C 86 -41.76 12.12 -0.70
N ILE C 87 -41.70 13.37 -0.23
CA ILE C 87 -42.89 14.05 0.29
C ILE C 87 -43.90 14.33 -0.82
N GLU C 88 -43.49 15.13 -1.80
CA GLU C 88 -44.39 15.48 -2.89
C GLU C 88 -44.77 14.25 -3.71
N GLY C 89 -43.86 13.28 -3.82
CA GLY C 89 -44.22 12.00 -4.40
C GLY C 89 -45.25 11.26 -3.56
N TRP C 90 -45.12 11.32 -2.24
CA TRP C 90 -46.13 10.73 -1.36
C TRP C 90 -47.50 11.34 -1.65
N PHE C 91 -47.55 12.66 -1.82
CA PHE C 91 -48.82 13.31 -2.16
C PHE C 91 -49.33 12.80 -3.50
N VAL C 92 -48.44 12.72 -4.50
CA VAL C 92 -48.84 12.27 -5.83
C VAL C 92 -49.43 10.86 -5.77
N LEU C 93 -48.90 10.01 -4.88
CA LEU C 93 -49.37 8.63 -4.85
C LEU C 93 -50.62 8.45 -3.99
N TYR C 94 -50.71 9.09 -2.82
CA TYR C 94 -51.75 8.68 -1.89
C TYR C 94 -52.80 9.73 -1.52
N TYR C 95 -53.36 10.37 -2.53
CA TYR C 95 -54.70 10.91 -2.46
C TYR C 95 -55.59 9.90 -3.18
N GLU C 96 -56.90 9.93 -2.93
CA GLU C 96 -57.58 10.73 -1.93
C GLU C 96 -57.78 9.91 -0.66
N ASP C 97 -56.72 9.74 0.11
CA ASP C 97 -56.80 8.85 1.27
C ASP C 97 -57.11 9.61 2.55
N LEU C 98 -56.39 10.71 2.81
CA LEU C 98 -56.78 11.67 3.84
C LEU C 98 -56.89 11.06 5.22
N LEU C 99 -56.25 9.93 5.47
CA LEU C 99 -56.27 9.29 6.78
C LEU C 99 -54.87 9.19 7.37
N GLY C 100 -54.71 9.74 8.56
CA GLY C 100 -53.44 9.74 9.27
C GLY C 100 -52.95 8.37 9.68
N ASP C 101 -53.72 7.31 9.42
CA ASP C 101 -53.25 5.95 9.66
C ASP C 101 -52.09 5.58 8.77
N GLN C 102 -51.73 6.44 7.83
CA GLN C 102 -50.53 6.34 7.02
C GLN C 102 -49.39 7.05 7.77
N ALA C 103 -48.18 6.98 7.20
CA ALA C 103 -47.00 7.48 7.89
C ALA C 103 -47.17 8.97 8.20
N PHE C 104 -46.23 9.56 8.93
CA PHE C 104 -46.41 10.98 9.26
C PHE C 104 -46.36 11.86 8.02
N LEU C 105 -46.12 11.29 6.84
CA LEU C 105 -46.24 12.01 5.58
C LEU C 105 -47.69 12.41 5.33
N SER C 106 -48.62 11.47 5.46
CA SER C 106 -50.03 11.79 5.24
C SER C 106 -50.52 12.82 6.23
N GLN C 107 -50.16 12.69 7.51
CA GLN C 107 -50.47 13.73 8.47
C GLN C 107 -49.73 15.02 8.16
N LEU C 108 -48.51 14.92 7.66
CA LEU C 108 -47.78 16.12 7.25
C LEU C 108 -48.55 16.88 6.18
N TRP C 109 -49.05 16.16 5.17
CA TRP C 109 -49.82 16.80 4.12
C TRP C 109 -51.15 17.31 4.64
N LYS C 110 -51.78 16.58 5.56
CA LYS C 110 -53.02 17.08 6.15
C LYS C 110 -52.79 18.36 6.91
N GLU C 111 -51.65 18.49 7.59
CA GLU C 111 -51.32 19.73 8.30
C GLU C 111 -51.06 20.87 7.31
N TYR C 112 -50.28 20.61 6.27
CA TYR C 112 -50.05 21.66 5.27
C TYR C 112 -51.35 22.08 4.62
N ALA C 113 -52.25 21.12 4.37
CA ALA C 113 -53.55 21.45 3.80
C ALA C 113 -54.43 22.18 4.81
N LYS C 114 -54.21 21.94 6.11
CA LYS C 114 -54.76 22.82 7.14
C LYS C 114 -54.31 24.24 6.88
N GLY C 115 -53.10 24.39 6.32
CA GLY C 115 -52.69 25.68 5.78
C GLY C 115 -53.57 26.03 4.60
N ASP C 116 -53.15 26.95 3.74
CA ASP C 116 -54.07 27.46 2.72
C ASP C 116 -54.50 26.37 1.74
N SER C 117 -53.54 25.72 1.09
CA SER C 117 -53.86 25.01 -0.15
C SER C 117 -54.69 23.75 0.10
N ARG C 118 -55.35 23.32 -0.97
CA ARG C 118 -56.28 22.18 -0.96
C ARG C 118 -55.56 20.89 -1.39
N TYR C 119 -54.78 20.36 -0.46
CA TYR C 119 -54.14 19.06 -0.70
C TYR C 119 -55.01 17.90 -0.25
N ILE C 120 -56.19 18.20 0.28
CA ILE C 120 -57.17 17.20 0.69
C ILE C 120 -58.09 16.80 -0.44
N LEU C 121 -58.53 17.75 -1.26
CA LEU C 121 -59.48 17.47 -2.33
C LEU C 121 -58.85 16.76 -3.51
N GLY C 122 -57.52 16.80 -3.63
CA GLY C 122 -56.88 16.26 -4.81
C GLY C 122 -57.11 17.12 -6.03
N ASP C 123 -56.96 18.43 -5.88
CA ASP C 123 -57.19 19.37 -6.98
C ASP C 123 -56.41 18.95 -8.22
N ASN C 124 -57.04 19.13 -9.39
CA ASN C 124 -56.43 18.73 -10.64
C ASN C 124 -55.04 19.35 -10.83
N PHE C 125 -54.94 20.67 -10.67
CA PHE C 125 -53.67 21.34 -10.95
C PHE C 125 -52.58 20.93 -9.97
N THR C 126 -52.91 20.88 -8.68
CA THR C 126 -51.90 20.52 -7.69
C THR C 126 -51.35 19.13 -7.97
N VAL C 127 -52.23 18.17 -8.24
CA VAL C 127 -51.78 16.82 -8.56
C VAL C 127 -50.88 16.82 -9.79
N CYS C 128 -51.28 17.53 -10.84
CA CYS C 128 -50.47 17.56 -12.06
C CYS C 128 -49.08 18.16 -11.80
N GLU C 130 -47.49 18.58 -8.90
CA GLU C 130 -46.72 17.75 -7.99
C GLU C 130 -46.16 16.54 -8.71
N THR C 131 -46.94 15.94 -9.62
CA THR C 131 -46.45 14.83 -10.42
C THR C 131 -45.23 15.25 -11.21
N ILE C 132 -45.29 16.44 -11.83
CA ILE C 132 -44.15 16.91 -12.61
C ILE C 132 -42.93 17.16 -11.73
N THR C 133 -43.12 17.81 -10.57
CA THR C 133 -41.98 18.14 -9.73
C THR C 133 -41.35 16.89 -9.10
N ALA C 134 -42.18 15.93 -8.69
CA ALA C 134 -41.65 14.71 -8.09
C ALA C 134 -40.96 13.84 -9.12
N CYS C 135 -41.59 13.64 -10.28
CA CYS C 135 -41.02 12.75 -11.28
C CYS C 135 -39.79 13.36 -11.96
N LEU C 136 -39.76 14.69 -12.12
CA LEU C 136 -38.67 15.35 -12.83
C LEU C 136 -37.74 16.11 -11.89
N TRP C 137 -38.24 17.14 -11.19
CA TRP C 137 -37.34 17.99 -10.42
C TRP C 137 -36.71 17.28 -9.23
N GLY C 138 -37.30 16.17 -8.78
CA GLY C 138 -36.70 15.38 -7.74
C GLY C 138 -35.42 14.72 -8.22
N PRO C 139 -35.54 13.84 -9.20
CA PRO C 139 -34.34 13.24 -9.81
C PRO C 139 -33.32 14.26 -10.31
N LEU C 140 -33.78 15.34 -10.95
CA LEU C 140 -32.84 16.28 -11.54
C LEU C 140 -32.04 17.05 -10.49
N SER C 141 -32.59 17.26 -9.30
CA SER C 141 -31.83 17.95 -8.26
C SER C 141 -30.69 17.08 -7.73
N LEU C 142 -30.96 15.78 -7.52
CA LEU C 142 -29.91 14.87 -7.13
C LEU C 142 -28.88 14.73 -8.25
N TRP C 143 -29.33 14.77 -9.50
CA TRP C 143 -28.39 14.78 -10.63
C TRP C 143 -27.55 16.05 -10.61
N VAL C 144 -28.14 17.17 -10.18
CA VAL C 144 -27.41 18.44 -10.10
C VAL C 144 -26.28 18.32 -9.08
N VAL C 145 -26.60 17.80 -7.89
CA VAL C 145 -25.58 17.71 -6.86
C VAL C 145 -24.53 16.67 -7.25
N ILE C 146 -24.94 15.56 -7.86
CA ILE C 146 -24.00 14.54 -8.30
C ILE C 146 -23.07 15.09 -9.37
N ALA C 147 -23.64 15.66 -10.43
CA ALA C 147 -22.82 16.14 -11.53
C ALA C 147 -22.02 17.38 -11.16
N PHE C 148 -22.38 18.07 -10.09
CA PHE C 148 -21.57 19.21 -9.66
C PHE C 148 -20.30 18.76 -8.96
N LEU C 149 -20.30 17.57 -8.37
CA LEU C 149 -19.12 17.07 -7.68
C LEU C 149 -18.03 16.68 -8.67
N ARG C 150 -18.39 15.90 -9.69
CA ARG C 150 -17.46 15.49 -10.73
C ARG C 150 -17.18 16.62 -11.73
N GLN C 151 -17.55 17.86 -11.41
CA GLN C 151 -17.37 19.02 -12.28
C GLN C 151 -17.89 18.75 -13.69
N HIS C 152 -18.90 17.88 -13.79
CA HIS C 152 -19.52 17.56 -15.07
C HIS C 152 -20.00 18.85 -15.73
N PRO C 153 -19.93 18.96 -17.06
CA PRO C 153 -20.37 20.21 -17.69
C PRO C 153 -21.85 20.51 -17.52
N LEU C 154 -22.70 19.48 -17.37
CA LEU C 154 -24.14 19.68 -17.24
C LEU C 154 -24.55 20.34 -15.93
N ARG C 155 -23.62 20.64 -15.03
CA ARG C 155 -24.01 21.09 -13.69
C ARG C 155 -24.79 22.39 -13.72
N PHE C 156 -24.28 23.40 -14.42
CA PHE C 156 -24.94 24.70 -14.45
C PHE C 156 -26.24 24.64 -15.27
N ILE C 157 -26.24 23.88 -16.36
CA ILE C 157 -27.46 23.73 -17.17
C ILE C 157 -28.57 23.10 -16.34
N LEU C 158 -28.23 22.03 -15.62
CA LEU C 158 -29.22 21.35 -14.79
C LEU C 158 -29.69 22.23 -13.64
N GLN C 159 -28.77 22.99 -13.02
CA GLN C 159 -29.17 23.91 -11.97
C GLN C 159 -30.17 24.93 -12.51
N LEU C 160 -29.89 25.47 -13.70
CA LEU C 160 -30.77 26.47 -14.30
C LEU C 160 -32.13 25.87 -14.63
N VAL C 161 -32.15 24.67 -15.21
CA VAL C 161 -33.41 24.05 -15.61
C VAL C 161 -34.27 23.75 -14.38
N VAL C 162 -33.66 23.17 -13.35
CA VAL C 162 -34.41 22.79 -12.16
C VAL C 162 -34.96 24.03 -11.46
N SER C 163 -34.15 25.09 -11.37
CA SER C 163 -34.62 26.27 -10.67
C SER C 163 -35.68 27.02 -11.47
N VAL C 164 -35.58 27.01 -12.80
CA VAL C 164 -36.63 27.61 -13.63
C VAL C 164 -37.94 26.85 -13.48
N GLY C 165 -37.86 25.51 -13.48
CA GLY C 165 -39.07 24.72 -13.31
C GLY C 165 -39.72 24.92 -11.96
N GLN C 166 -38.90 25.01 -10.90
CA GLN C 166 -39.43 25.25 -9.57
C GLN C 166 -40.10 26.61 -9.49
N ILE C 167 -39.45 27.65 -10.03
CA ILE C 167 -40.04 28.99 -10.03
C ILE C 167 -41.36 28.99 -10.80
N TYR C 168 -41.42 28.26 -11.92
CA TYR C 168 -42.63 28.24 -12.72
C TYR C 168 -43.77 27.55 -11.96
N GLY C 169 -43.49 26.38 -11.38
CA GLY C 169 -44.51 25.70 -10.59
C GLY C 169 -44.99 26.56 -9.44
N ASP C 170 -44.07 27.25 -8.77
CA ASP C 170 -44.42 28.06 -7.60
C ASP C 170 -45.25 29.27 -7.99
N VAL C 171 -44.89 29.93 -9.09
CA VAL C 171 -45.66 31.07 -9.57
C VAL C 171 -47.05 30.64 -9.99
N LEU C 172 -47.16 29.49 -10.68
CA LEU C 172 -48.48 28.99 -11.04
C LEU C 172 -49.32 28.67 -9.81
N TYR C 173 -48.69 28.09 -8.79
CA TYR C 173 -49.38 27.80 -7.53
C TYR C 173 -49.95 29.08 -6.93
N PHE C 174 -49.12 30.11 -6.79
CA PHE C 174 -49.58 31.38 -6.23
C PHE C 174 -50.67 32.02 -7.09
N LEU C 175 -50.47 32.08 -8.41
CA LEU C 175 -51.44 32.70 -9.30
C LEU C 175 -52.79 32.00 -9.22
N THR C 176 -52.79 30.67 -9.29
CA THR C 176 -54.04 29.92 -9.21
C THR C 176 -54.74 30.18 -7.89
N GLU C 177 -53.99 30.15 -6.77
CA GLU C 177 -54.63 30.42 -5.49
C GLU C 177 -55.12 31.86 -5.37
N HIS C 178 -54.50 32.78 -6.11
CA HIS C 178 -54.91 34.18 -6.04
C HIS C 178 -56.20 34.39 -6.81
N ARG C 179 -56.27 33.89 -8.05
CA ARG C 179 -57.50 34.03 -8.82
C ARG C 179 -58.68 33.34 -8.14
N ASP C 180 -58.43 32.24 -7.43
CA ASP C 180 -59.47 31.61 -6.63
C ASP C 180 -59.86 32.43 -5.40
N GLY C 181 -59.23 33.58 -5.17
CA GLY C 181 -59.61 34.42 -4.05
C GLY C 181 -59.15 33.91 -2.70
N PHE C 182 -58.12 33.05 -2.69
CA PHE C 182 -57.61 32.43 -1.47
C PHE C 182 -58.69 31.64 -0.73
N GLN C 183 -59.70 31.19 -1.47
CA GLN C 183 -60.73 30.29 -0.98
C GLN C 183 -60.21 29.23 -0.03
N HIS C 184 -59.22 28.46 -0.49
CA HIS C 184 -58.64 27.40 0.32
C HIS C 184 -57.80 28.02 1.42
N GLY C 185 -58.10 27.69 2.68
CA GLY C 185 -57.31 28.19 3.78
C GLY C 185 -57.71 29.59 4.25
N GLU C 186 -57.80 29.78 5.56
CA GLU C 186 -58.29 31.04 6.10
C GLU C 186 -57.34 32.19 5.73
N LEU C 187 -57.93 33.30 5.29
CA LEU C 187 -57.13 34.45 4.91
C LEU C 187 -56.48 35.07 6.14
N GLY C 188 -55.34 35.73 5.93
CA GLY C 188 -54.73 36.51 6.98
C GLY C 188 -54.14 35.74 8.14
N HIS C 189 -54.55 34.49 8.32
CA HIS C 189 -54.05 33.68 9.42
C HIS C 189 -52.53 33.71 9.46
N PRO C 190 -51.92 33.96 10.62
CA PRO C 190 -50.46 34.08 10.69
C PRO C 190 -49.75 32.78 10.32
N LEU C 191 -50.02 31.71 11.06
CA LEU C 191 -49.33 30.45 10.83
C LEU C 191 -49.71 29.83 9.48
N TYR C 192 -51.01 29.59 9.28
CA TYR C 192 -51.43 28.74 8.17
C TYR C 192 -51.30 29.45 6.82
N PHE C 193 -51.64 30.74 6.77
CA PHE C 193 -51.51 31.47 5.52
C PHE C 193 -50.13 32.08 5.34
N TRP C 194 -49.67 32.85 6.31
CA TRP C 194 -48.46 33.64 6.10
C TRP C 194 -47.20 32.78 6.14
N PHE C 195 -47.11 31.86 7.11
CA PHE C 195 -45.92 31.01 7.19
C PHE C 195 -45.99 29.85 6.22
N TYR C 196 -47.08 29.06 6.27
CA TYR C 196 -47.20 27.88 5.42
C TYR C 196 -47.26 28.28 3.95
N PHE C 197 -48.27 29.06 3.59
CA PHE C 197 -48.55 29.34 2.17
C PHE C 197 -47.54 30.33 1.58
N VAL C 198 -47.46 31.54 2.14
CA VAL C 198 -46.66 32.59 1.51
C VAL C 198 -45.17 32.32 1.71
N PHE C 199 -44.71 32.33 2.96
CA PHE C 199 -43.27 32.31 3.24
C PHE C 199 -42.61 31.03 2.71
N ASN C 201 -43.25 28.77 0.60
CA ASN C 201 -43.18 28.62 -0.83
C ASN C 201 -42.38 29.75 -1.48
N ALA C 202 -42.47 30.95 -0.92
CA ALA C 202 -41.63 32.05 -1.38
C ALA C 202 -40.16 31.67 -1.29
N LEU C 203 -39.83 30.70 -0.43
CA LEU C 203 -38.49 30.14 -0.45
C LEU C 203 -38.18 29.52 -1.81
N TRP C 204 -39.05 28.63 -2.31
CA TRP C 204 -38.86 28.05 -3.64
C TRP C 204 -39.01 29.08 -4.74
N LEU C 205 -39.53 30.27 -4.41
CA LEU C 205 -39.53 31.36 -5.38
C LEU C 205 -38.19 32.10 -5.40
N VAL C 206 -37.65 32.40 -4.22
CA VAL C 206 -36.50 33.30 -4.11
C VAL C 206 -35.19 32.53 -4.30
N LEU C 207 -34.99 31.45 -3.54
CA LEU C 207 -33.72 30.73 -3.60
C LEU C 207 -33.42 30.22 -5.00
N PRO C 208 -34.34 29.54 -5.70
CA PRO C 208 -34.05 29.19 -7.09
C PRO C 208 -33.85 30.40 -7.99
N GLY C 209 -34.41 31.55 -7.63
CA GLY C 209 -34.09 32.77 -8.36
C GLY C 209 -32.63 33.14 -8.25
N VAL C 210 -32.09 33.15 -7.03
CA VAL C 210 -30.67 33.38 -6.82
C VAL C 210 -29.84 32.35 -7.57
N LEU C 211 -30.26 31.08 -7.51
CA LEU C 211 -29.52 30.03 -8.22
C LEU C 211 -29.54 30.24 -9.73
N VAL C 212 -30.68 30.69 -10.26
CA VAL C 212 -30.79 31.01 -11.68
C VAL C 212 -29.83 32.14 -12.03
N LEU C 213 -29.82 33.20 -11.23
CA LEU C 213 -28.89 34.31 -11.48
C LEU C 213 -27.45 33.81 -11.50
N ASP C 214 -27.09 32.96 -10.53
CA ASP C 214 -25.76 32.37 -10.47
C ASP C 214 -25.43 31.62 -11.75
N ALA C 215 -26.28 30.66 -12.11
CA ALA C 215 -26.05 29.85 -13.31
C ALA C 215 -25.97 30.72 -14.55
N VAL C 216 -26.80 31.78 -14.61
CA VAL C 216 -26.79 32.68 -15.75
C VAL C 216 -25.45 33.40 -15.85
N LYS C 217 -24.96 33.93 -14.73
CA LYS C 217 -23.67 34.61 -14.72
C LYS C 217 -22.56 33.68 -15.21
N HIS C 218 -22.52 32.45 -14.66
CA HIS C 218 -21.45 31.54 -15.03
C HIS C 218 -21.56 31.08 -16.49
N LEU C 219 -22.76 30.74 -16.94
CA LEU C 219 -22.94 30.30 -18.32
C LEU C 219 -22.68 31.43 -19.30
N THR C 220 -23.05 32.67 -18.95
CA THR C 220 -22.72 33.81 -19.80
C THR C 220 -21.22 33.96 -19.96
N HIS C 221 -20.48 33.85 -18.85
CA HIS C 221 -19.02 33.96 -18.95
C HIS C 221 -18.45 32.81 -19.79
N ALA C 222 -18.93 31.59 -19.55
CA ALA C 222 -18.43 30.44 -20.31
C ALA C 222 -18.74 30.58 -21.80
N GLN C 223 -19.93 31.10 -22.13
CA GLN C 223 -20.27 31.29 -23.54
C GLN C 223 -19.43 32.41 -24.15
N SER C 224 -19.14 33.46 -23.38
CA SER C 224 -18.28 34.52 -23.88
C SER C 224 -16.87 34.02 -24.15
N THR C 225 -16.42 33.00 -23.41
CA THR C 225 -15.07 32.49 -23.62
C THR C 225 -14.93 31.82 -24.98
N LEU C 226 -15.98 31.15 -25.45
CA LEU C 226 -15.92 30.38 -26.69
C LEU C 226 -15.75 31.31 -27.90
N ASP C 227 -14.61 31.22 -28.55
CA ASP C 227 -14.33 32.00 -29.76
C ASP C 227 -13.52 31.13 -30.71
#